data_1B3Z
#
_entry.id   1B3Z
#
_cell.length_a   81.486
_cell.length_b   81.486
_cell.length_c   113.310
_cell.angle_alpha   90.00
_cell.angle_beta   90.00
_cell.angle_gamma   120.00
#
_symmetry.space_group_name_H-M   'P 31 2 1'
#
loop_
_entity.id
_entity.type
_entity.pdbx_description
1 polymer 'PROTEIN (XYLANASE)'
2 branched beta-D-xylopyranose-(1-4)-beta-D-xylopyranose-(1-4)-beta-D-xylopyranose
3 branched beta-D-xylopyranose-(1-4)-alpha-D-xylopyranose
4 non-polymer beta-D-xylopyranose
5 water water
#
_entity_poly.entity_id   1
_entity_poly.type   'polypeptide(L)'
_entity_poly.pdbx_seq_one_letter_code
;(PCA)ASVSIDAKFKAHGKKYLGTIGDQYTLTKNTKNPAIIKADFGQLTPENSMKWDATEPNRGQFTFSGSDYLVNFAQS
NGKLIRGHTLVWHSQLPGWVSSITDKNTLISVLKNHITTVMTRYKGKIYAWDVLNEIFNEDGSLRNSVFYNVIGEDYVRI
AFETARSVDPNAKLYINDYNLDSAGYSKVNGMVSHVKKWLAAGIPIDGIGSQTHLGAGAGSAVAGALNALASAGTKEIAI
TELDIAGASSTDYVNVVNACLNQAKCVGITVWGVADPDSWRSSSSPLLFDGNYNPKAAYNAIANAL
;
_entity_poly.pdbx_strand_id   A
#
# COMPACT_ATOMS: atom_id res chain seq x y z
N ALA A 2 -1.41 14.79 17.86
CA ALA A 2 -2.77 15.16 18.21
C ALA A 2 -3.10 14.35 19.47
N SER A 3 -3.73 15.01 20.43
CA SER A 3 -4.11 14.37 21.70
C SER A 3 -4.87 13.06 21.48
N VAL A 4 -5.87 13.09 20.60
CA VAL A 4 -6.68 11.92 20.28
C VAL A 4 -6.06 11.16 19.11
N SER A 5 -5.82 9.87 19.30
CA SER A 5 -5.25 9.02 18.27
C SER A 5 -6.32 8.40 17.37
N ILE A 6 -6.39 8.80 16.11
CA ILE A 6 -7.41 8.21 15.23
C ILE A 6 -7.18 6.72 15.03
N ASP A 7 -5.94 6.27 15.19
CA ASP A 7 -5.62 4.86 15.06
C ASP A 7 -6.27 4.11 16.21
N ALA A 8 -6.16 4.66 17.41
CA ALA A 8 -6.74 4.04 18.59
C ALA A 8 -8.25 3.96 18.43
N LYS A 9 -8.86 5.04 17.95
CA LYS A 9 -10.30 5.09 17.75
C LYS A 9 -10.77 4.15 16.63
N PHE A 10 -9.97 3.98 15.59
CA PHE A 10 -10.32 3.10 14.49
C PHE A 10 -10.24 1.66 14.97
N LYS A 11 -9.17 1.33 15.68
CA LYS A 11 -8.97 -0.02 16.21
C LYS A 11 -10.12 -0.37 17.15
N ALA A 12 -10.64 0.63 17.84
CA ALA A 12 -11.76 0.45 18.77
C ALA A 12 -12.97 -0.13 18.06
N HIS A 13 -13.04 0.04 16.75
CA HIS A 13 -14.16 -0.49 15.96
C HIS A 13 -13.83 -1.86 15.35
N GLY A 14 -12.75 -2.49 15.83
CA GLY A 14 -12.38 -3.79 15.30
C GLY A 14 -11.46 -3.77 14.10
N LYS A 15 -10.99 -2.58 13.71
CA LYS A 15 -10.07 -2.47 12.56
C LYS A 15 -8.64 -2.73 13.05
N LYS A 16 -7.78 -3.17 12.14
CA LYS A 16 -6.41 -3.49 12.51
C LYS A 16 -5.51 -2.29 12.73
N TYR A 17 -5.70 -1.24 11.93
CA TYR A 17 -4.87 -0.05 12.06
C TYR A 17 -5.35 1.09 11.18
N LEU A 18 -4.86 2.28 11.47
CA LEU A 18 -5.08 3.48 10.66
C LEU A 18 -3.63 3.98 10.76
N GLY A 19 -2.89 3.82 9.66
CA GLY A 19 -1.49 4.19 9.64
C GLY A 19 -1.07 5.22 8.63
N THR A 20 0.24 5.34 8.44
CA THR A 20 0.80 6.32 7.51
C THR A 20 2.13 5.80 6.94
N ILE A 21 2.92 6.67 6.33
CA ILE A 21 4.19 6.26 5.74
C ILE A 21 5.40 6.94 6.36
N GLY A 22 6.58 6.41 6.04
CA GLY A 22 7.80 6.99 6.58
C GLY A 22 9.05 6.43 5.94
N ASP A 23 10.17 6.99 6.37
CA ASP A 23 11.51 6.62 5.92
C ASP A 23 12.45 7.51 6.72
N GLN A 24 13.75 7.25 6.67
CA GLN A 24 14.71 8.01 7.47
C GLN A 24 14.53 9.52 7.50
N TYR A 25 14.44 10.14 6.33
CA TYR A 25 14.29 11.59 6.26
C TYR A 25 13.11 12.16 7.05
N THR A 26 11.89 11.76 6.72
CA THR A 26 10.72 12.28 7.43
C THR A 26 10.65 11.86 8.91
N LEU A 27 11.23 10.72 9.25
CA LEU A 27 11.23 10.27 10.64
C LEU A 27 12.24 11.06 11.47
N THR A 28 13.12 11.80 10.80
CA THR A 28 14.15 12.58 11.49
C THR A 28 14.25 14.07 11.12
N LYS A 29 13.46 14.55 10.15
CA LYS A 29 13.53 15.96 9.72
C LYS A 29 13.13 17.01 10.76
N ASN A 30 12.39 16.57 11.77
CA ASN A 30 11.94 17.44 12.88
C ASN A 30 11.45 16.56 14.01
N THR A 31 10.98 17.18 15.08
CA THR A 31 10.51 16.44 16.24
C THR A 31 9.04 16.04 16.16
N LYS A 32 8.23 16.89 15.55
CA LYS A 32 6.81 16.63 15.43
C LYS A 32 6.41 15.42 14.58
N ASN A 33 7.04 15.26 13.42
CA ASN A 33 6.70 14.16 12.54
C ASN A 33 6.78 12.77 13.20
N PRO A 34 7.95 12.38 13.73
CA PRO A 34 8.01 11.06 14.36
C PRO A 34 7.08 10.98 15.57
N ALA A 35 6.94 12.06 16.31
CA ALA A 35 6.07 12.09 17.48
C ALA A 35 4.61 11.89 17.07
N ILE A 36 4.22 12.45 15.92
CA ILE A 36 2.86 12.30 15.41
C ILE A 36 2.67 10.83 15.03
N ILE A 37 3.67 10.25 14.39
CA ILE A 37 3.63 8.86 13.96
C ILE A 37 3.42 7.90 15.13
N LYS A 38 4.19 8.05 16.20
CA LYS A 38 4.00 7.15 17.33
C LYS A 38 2.74 7.39 18.15
N ALA A 39 2.23 8.61 18.14
CA ALA A 39 1.04 8.92 18.91
C ALA A 39 -0.31 8.65 18.25
N ASP A 40 -0.43 8.98 16.96
CA ASP A 40 -1.71 8.84 16.26
C ASP A 40 -1.92 7.78 15.19
N PHE A 41 -0.86 7.05 14.83
CA PHE A 41 -0.96 6.03 13.80
C PHE A 41 -0.44 4.70 14.31
N GLY A 42 -0.90 3.59 13.74
CA GLY A 42 -0.45 2.30 14.25
C GLY A 42 0.19 1.38 13.23
N GLN A 43 0.54 1.92 12.07
CA GLN A 43 1.14 1.12 11.01
C GLN A 43 1.98 2.04 10.14
N LEU A 44 3.00 1.48 9.51
CA LEU A 44 3.91 2.24 8.65
C LEU A 44 4.24 1.50 7.36
N THR A 45 4.28 2.27 6.27
CA THR A 45 4.66 1.73 4.97
C THR A 45 5.87 2.55 4.55
N PRO A 46 6.95 1.88 4.13
CA PRO A 46 8.13 2.64 3.71
C PRO A 46 7.74 3.37 2.44
N GLU A 47 7.91 4.67 2.42
CA GLU A 47 7.56 5.45 1.25
C GLU A 47 8.35 5.10 -0.01
N ASN A 48 9.61 4.69 0.17
CA ASN A 48 10.49 4.37 -0.95
C ASN A 48 11.57 3.33 -0.73
N SER A 49 11.99 3.13 0.51
CA SER A 49 13.08 2.22 0.85
C SER A 49 12.96 0.74 0.47
N MET A 50 11.75 0.25 0.25
CA MET A 50 11.60 -1.15 -0.11
C MET A 50 11.35 -1.43 -1.59
N LYS A 51 11.33 -0.37 -2.40
CA LYS A 51 11.12 -0.51 -3.83
C LYS A 51 12.34 -1.14 -4.48
N TRP A 52 12.16 -1.72 -5.67
CA TRP A 52 13.25 -2.39 -6.38
C TRP A 52 14.50 -1.54 -6.60
N ASP A 53 14.31 -0.28 -7.02
CA ASP A 53 15.44 0.61 -7.26
C ASP A 53 16.27 0.86 -6.00
N ALA A 54 15.60 0.84 -4.85
CA ALA A 54 16.25 1.07 -3.59
C ALA A 54 16.81 -0.16 -2.89
N THR A 55 16.31 -1.34 -3.27
CA THR A 55 16.77 -2.58 -2.65
C THR A 55 17.72 -3.43 -3.48
N GLU A 56 17.58 -3.41 -4.79
CA GLU A 56 18.46 -4.20 -5.65
C GLU A 56 18.84 -3.36 -6.88
N PRO A 57 19.68 -2.32 -6.68
CA PRO A 57 20.16 -1.41 -7.72
C PRO A 57 20.96 -2.10 -8.82
N ASN A 58 21.58 -3.21 -8.47
CA ASN A 58 22.38 -4.00 -9.40
C ASN A 58 21.98 -5.45 -9.20
N ARG A 59 21.99 -6.21 -10.27
CA ARG A 59 21.62 -7.62 -10.24
C ARG A 59 22.32 -8.43 -9.14
N GLY A 60 21.52 -8.93 -8.20
CA GLY A 60 22.04 -9.73 -7.10
C GLY A 60 22.74 -8.98 -5.99
N GLN A 61 22.73 -7.66 -6.03
CA GLN A 61 23.38 -6.85 -5.00
C GLN A 61 22.36 -5.97 -4.34
N PHE A 62 22.12 -6.26 -3.07
CA PHE A 62 21.11 -5.56 -2.29
C PHE A 62 21.62 -4.47 -1.38
N THR A 63 20.81 -3.44 -1.24
CA THR A 63 21.13 -2.30 -0.42
C THR A 63 19.92 -2.13 0.50
N PHE A 64 20.08 -2.52 1.76
CA PHE A 64 19.00 -2.46 2.75
C PHE A 64 19.12 -1.44 3.88
N SER A 65 19.92 -0.39 3.70
CA SER A 65 20.06 0.59 4.78
C SER A 65 18.76 1.33 5.10
N GLY A 66 18.12 1.90 4.09
CA GLY A 66 16.88 2.62 4.30
C GLY A 66 15.76 1.77 4.84
N SER A 67 15.54 0.60 4.25
CA SER A 67 14.48 -0.30 4.69
C SER A 67 14.70 -0.84 6.09
N ASP A 68 15.96 -1.15 6.43
CA ASP A 68 16.30 -1.65 7.76
C ASP A 68 15.86 -0.62 8.79
N TYR A 69 16.18 0.65 8.52
CA TYR A 69 15.83 1.74 9.42
C TYR A 69 14.32 1.89 9.62
N LEU A 70 13.57 1.87 8.53
CA LEU A 70 12.11 2.00 8.60
C LEU A 70 11.55 0.84 9.42
N VAL A 71 11.96 -0.38 9.09
CA VAL A 71 11.50 -1.57 9.79
C VAL A 71 11.87 -1.47 11.27
N ASN A 72 13.12 -1.10 11.56
CA ASN A 72 13.58 -0.98 12.94
C ASN A 72 12.78 0.08 13.73
N PHE A 73 12.47 1.21 13.10
CA PHE A 73 11.69 2.25 13.79
C PHE A 73 10.29 1.74 14.12
N ALA A 74 9.64 1.13 13.14
CA ALA A 74 8.30 0.60 13.33
C ALA A 74 8.31 -0.49 14.39
N GLN A 75 9.20 -1.46 14.25
CA GLN A 75 9.30 -2.55 15.21
C GLN A 75 9.60 -2.04 16.63
N SER A 76 10.42 -0.99 16.74
CA SER A 76 10.79 -0.42 18.04
C SER A 76 9.68 0.41 18.69
N ASN A 77 8.66 0.77 17.91
CA ASN A 77 7.57 1.58 18.44
C ASN A 77 6.18 0.95 18.28
N GLY A 78 6.16 -0.37 18.15
CA GLY A 78 4.91 -1.10 18.02
C GLY A 78 4.02 -0.78 16.84
N LYS A 79 4.61 -0.50 15.68
CA LYS A 79 3.83 -0.20 14.48
C LYS A 79 3.84 -1.39 13.52
N LEU A 80 2.67 -1.74 13.00
CA LEU A 80 2.57 -2.83 12.03
C LEU A 80 3.25 -2.31 10.77
N ILE A 81 3.73 -3.20 9.91
CA ILE A 81 4.43 -2.79 8.71
C ILE A 81 3.83 -3.40 7.47
N ARG A 82 3.71 -2.60 6.42
CA ARG A 82 3.24 -3.09 5.16
C ARG A 82 4.45 -2.92 4.23
N GLY A 83 4.99 -4.04 3.75
CA GLY A 83 6.11 -3.99 2.84
C GLY A 83 5.62 -3.44 1.50
N HIS A 84 6.43 -2.61 0.85
CA HIS A 84 6.02 -1.99 -0.39
C HIS A 84 7.25 -1.56 -1.19
N THR A 85 7.44 -2.05 -2.41
CA THR A 85 6.58 -3.03 -3.08
C THR A 85 7.52 -3.95 -3.87
N LEU A 86 7.19 -5.22 -3.94
CA LEU A 86 8.02 -6.21 -4.61
C LEU A 86 8.12 -6.26 -6.13
N VAL A 87 7.00 -6.13 -6.83
CA VAL A 87 6.98 -6.21 -8.29
C VAL A 87 6.21 -5.01 -8.81
N TRP A 88 6.91 -4.13 -9.53
CA TRP A 88 6.30 -2.91 -10.05
C TRP A 88 7.08 -2.48 -11.29
N HIS A 89 6.36 -1.87 -12.24
CA HIS A 89 6.98 -1.41 -13.49
C HIS A 89 7.70 -0.07 -13.32
N SER A 90 7.37 0.67 -12.27
CA SER A 90 7.96 1.97 -12.00
C SER A 90 9.01 1.81 -10.90
N GLN A 91 9.99 2.72 -10.85
CA GLN A 91 11.09 2.67 -9.88
C GLN A 91 11.75 1.30 -9.95
N LEU A 92 11.91 0.82 -11.18
CA LEU A 92 12.50 -0.48 -11.49
C LEU A 92 13.81 -0.22 -12.21
N PRO A 93 14.92 -0.78 -11.70
CA PRO A 93 16.24 -0.59 -12.32
C PRO A 93 16.26 -1.08 -13.76
N GLY A 94 17.01 -0.38 -14.60
CA GLY A 94 17.11 -0.74 -16.00
C GLY A 94 17.62 -2.14 -16.26
N TRP A 95 18.38 -2.70 -15.34
CA TRP A 95 18.89 -4.05 -15.54
C TRP A 95 17.78 -5.10 -15.57
N VAL A 96 16.66 -4.79 -14.92
CA VAL A 96 15.54 -5.73 -14.90
C VAL A 96 14.73 -5.60 -16.18
N SER A 97 14.34 -4.37 -16.51
CA SER A 97 13.53 -4.14 -17.70
C SER A 97 14.19 -4.47 -19.05
N SER A 98 15.50 -4.73 -19.03
CA SER A 98 16.20 -5.07 -20.26
C SER A 98 16.26 -6.58 -20.50
N ILE A 99 15.95 -7.36 -19.47
CA ILE A 99 15.96 -8.81 -19.59
C ILE A 99 14.86 -9.25 -20.55
N THR A 100 15.23 -10.12 -21.50
CA THR A 100 14.32 -10.62 -22.52
C THR A 100 14.00 -12.11 -22.41
N ASP A 101 14.89 -12.87 -21.78
CA ASP A 101 14.71 -14.30 -21.61
C ASP A 101 13.79 -14.59 -20.42
N LYS A 102 12.72 -15.33 -20.69
CA LYS A 102 11.70 -15.68 -19.70
C LYS A 102 12.22 -16.33 -18.43
N ASN A 103 13.05 -17.37 -18.56
CA ASN A 103 13.58 -18.07 -17.39
C ASN A 103 14.54 -17.18 -16.59
N THR A 104 15.23 -16.28 -17.28
CA THR A 104 16.15 -15.39 -16.61
C THR A 104 15.37 -14.40 -15.74
N LEU A 105 14.29 -13.84 -16.31
CA LEU A 105 13.47 -12.88 -15.58
C LEU A 105 12.78 -13.55 -14.38
N ILE A 106 12.31 -14.78 -14.56
CA ILE A 106 11.65 -15.51 -13.47
C ILE A 106 12.64 -15.72 -12.33
N SER A 107 13.87 -16.12 -12.67
CA SER A 107 14.92 -16.34 -11.69
C SER A 107 15.20 -15.04 -10.91
N VAL A 108 15.32 -13.94 -11.65
CA VAL A 108 15.56 -12.62 -11.06
C VAL A 108 14.39 -12.21 -10.17
N LEU A 109 13.17 -12.42 -10.65
CA LEU A 109 11.95 -12.08 -9.93
C LEU A 109 11.92 -12.81 -8.59
N LYS A 110 12.16 -14.11 -8.63
CA LYS A 110 12.14 -14.94 -7.43
C LYS A 110 13.25 -14.58 -6.44
N ASN A 111 14.45 -14.31 -6.95
CA ASN A 111 15.55 -13.95 -6.06
C ASN A 111 15.27 -12.63 -5.36
N HIS A 112 14.70 -11.68 -6.10
CA HIS A 112 14.38 -10.38 -5.52
C HIS A 112 13.32 -10.54 -4.43
N ILE A 113 12.24 -11.24 -4.74
CA ILE A 113 11.16 -11.46 -3.77
C ILE A 113 11.70 -12.18 -2.54
N THR A 114 12.45 -13.25 -2.77
CA THR A 114 13.03 -14.06 -1.70
C THR A 114 13.97 -13.29 -0.78
N THR A 115 14.94 -12.59 -1.35
CA THR A 115 15.89 -11.84 -0.55
C THR A 115 15.25 -10.73 0.27
N VAL A 116 14.43 -9.90 -0.35
CA VAL A 116 13.76 -8.81 0.35
C VAL A 116 12.81 -9.32 1.44
N MET A 117 12.01 -10.34 1.11
CA MET A 117 11.06 -10.90 2.08
C MET A 117 11.74 -11.66 3.22
N THR A 118 12.80 -12.39 2.90
CA THR A 118 13.53 -13.17 3.89
C THR A 118 14.16 -12.28 4.95
N ARG A 119 14.68 -11.14 4.53
CA ARG A 119 15.32 -10.23 5.47
C ARG A 119 14.38 -9.74 6.58
N TYR A 120 13.09 -9.59 6.27
CA TYR A 120 12.13 -9.11 7.26
C TYR A 120 11.07 -10.16 7.58
N LYS A 121 11.41 -11.42 7.33
CA LYS A 121 10.49 -12.52 7.58
C LYS A 121 9.92 -12.50 8.99
N GLY A 122 8.60 -12.50 9.08
CA GLY A 122 7.94 -12.49 10.37
C GLY A 122 7.66 -11.13 10.97
N LYS A 123 8.20 -10.06 10.37
CA LYS A 123 7.99 -8.70 10.87
C LYS A 123 7.00 -7.88 10.05
N ILE A 124 6.65 -8.40 8.88
CA ILE A 124 5.75 -7.70 7.97
C ILE A 124 4.30 -8.17 8.07
N TYR A 125 3.39 -7.23 8.30
CA TYR A 125 1.99 -7.59 8.39
C TYR A 125 1.47 -7.94 7.01
N ALA A 126 1.77 -7.08 6.03
CA ALA A 126 1.32 -7.29 4.67
C ALA A 126 2.37 -6.84 3.67
N TRP A 127 2.39 -7.50 2.51
CA TRP A 127 3.31 -7.18 1.44
C TRP A 127 2.53 -6.80 0.19
N ASP A 128 2.83 -5.66 -0.40
CA ASP A 128 2.19 -5.31 -1.67
C ASP A 128 3.08 -6.10 -2.63
N VAL A 129 2.69 -7.35 -2.89
CA VAL A 129 3.47 -8.21 -3.79
C VAL A 129 3.52 -7.62 -5.19
N LEU A 130 2.35 -7.25 -5.72
CA LEU A 130 2.24 -6.69 -7.06
C LEU A 130 1.65 -5.27 -6.97
N ASN A 131 2.23 -4.34 -7.73
CA ASN A 131 1.74 -2.97 -7.70
C ASN A 131 1.43 -2.49 -9.11
N GLU A 132 0.22 -1.94 -9.26
CA GLU A 132 -0.27 -1.36 -10.51
C GLU A 132 -0.05 -2.18 -11.77
N ILE A 133 -0.62 -3.38 -11.82
CA ILE A 133 -0.42 -4.23 -12.99
C ILE A 133 -1.56 -4.13 -13.99
N PHE A 134 -2.50 -3.23 -13.76
CA PHE A 134 -3.65 -3.06 -14.64
C PHE A 134 -3.68 -1.75 -15.40
N ASN A 135 -4.22 -1.82 -16.60
CA ASN A 135 -4.41 -0.64 -17.43
C ASN A 135 -5.77 -0.14 -16.94
N GLU A 136 -6.11 1.10 -17.22
CA GLU A 136 -7.38 1.66 -16.78
C GLU A 136 -8.61 0.90 -17.29
N ASP A 137 -8.48 0.23 -18.43
CA ASP A 137 -9.60 -0.54 -18.97
C ASP A 137 -9.73 -1.94 -18.37
N GLY A 138 -8.90 -2.25 -17.37
CA GLY A 138 -8.99 -3.55 -16.72
C GLY A 138 -8.11 -4.65 -17.28
N SER A 139 -7.42 -4.38 -18.39
CA SER A 139 -6.53 -5.37 -18.98
C SER A 139 -5.19 -5.28 -18.28
N LEU A 140 -4.36 -6.30 -18.43
CA LEU A 140 -3.06 -6.33 -17.80
C LEU A 140 -2.07 -5.39 -18.47
N ARG A 141 -1.41 -4.60 -17.64
CA ARG A 141 -0.41 -3.64 -18.09
C ARG A 141 0.79 -4.38 -18.68
N ASN A 142 1.21 -3.94 -19.86
CA ASN A 142 2.35 -4.56 -20.54
C ASN A 142 3.70 -4.09 -20.00
N SER A 143 4.02 -4.51 -18.78
CA SER A 143 5.29 -4.17 -18.18
C SER A 143 6.26 -5.25 -18.62
N VAL A 144 7.52 -5.13 -18.23
CA VAL A 144 8.50 -6.13 -18.61
C VAL A 144 8.09 -7.50 -18.12
N PHE A 145 7.52 -7.57 -16.91
CA PHE A 145 7.11 -8.86 -16.36
C PHE A 145 6.02 -9.50 -17.19
N TYR A 146 5.00 -8.72 -17.54
CA TYR A 146 3.91 -9.22 -18.34
C TYR A 146 4.36 -9.59 -19.75
N ASN A 147 5.16 -8.73 -20.38
CA ASN A 147 5.66 -8.96 -21.73
C ASN A 147 6.59 -10.17 -21.85
N VAL A 148 7.52 -10.31 -20.92
CA VAL A 148 8.49 -11.41 -20.96
C VAL A 148 8.00 -12.73 -20.36
N ILE A 149 7.33 -12.68 -19.23
CA ILE A 149 6.85 -13.90 -18.58
C ILE A 149 5.42 -14.26 -18.97
N GLY A 150 4.60 -13.24 -19.20
CA GLY A 150 3.20 -13.47 -19.54
C GLY A 150 2.43 -13.41 -18.23
N GLU A 151 1.13 -13.67 -18.29
CA GLU A 151 0.28 -13.63 -17.09
C GLU A 151 0.70 -14.51 -15.92
N ASP A 152 1.50 -15.53 -16.20
CA ASP A 152 1.97 -16.46 -15.17
C ASP A 152 2.87 -15.81 -14.11
N TYR A 153 3.38 -14.61 -14.37
CA TYR A 153 4.22 -13.96 -13.36
C TYR A 153 3.41 -13.67 -12.10
N VAL A 154 2.10 -13.53 -12.26
CA VAL A 154 1.20 -13.27 -11.13
C VAL A 154 1.26 -14.46 -10.20
N ARG A 155 1.12 -15.67 -10.76
CA ARG A 155 1.17 -16.88 -9.95
C ARG A 155 2.54 -17.03 -9.31
N ILE A 156 3.59 -16.85 -10.11
CA ILE A 156 4.96 -16.98 -9.63
C ILE A 156 5.28 -16.07 -8.46
N ALA A 157 4.92 -14.80 -8.57
CA ALA A 157 5.19 -13.84 -7.52
C ALA A 157 4.48 -14.20 -6.21
N PHE A 158 3.18 -14.48 -6.27
CA PHE A 158 2.42 -14.82 -5.07
C PHE A 158 2.84 -16.13 -4.44
N GLU A 159 3.11 -17.14 -5.26
CA GLU A 159 3.54 -18.42 -4.73
C GLU A 159 4.89 -18.33 -4.05
N THR A 160 5.81 -17.57 -4.63
CA THR A 160 7.13 -17.38 -4.05
C THR A 160 6.99 -16.65 -2.72
N ALA A 161 6.21 -15.57 -2.71
CA ALA A 161 5.97 -14.78 -1.51
C ALA A 161 5.37 -15.63 -0.38
N ARG A 162 4.35 -16.42 -0.73
CA ARG A 162 3.69 -17.30 0.23
C ARG A 162 4.66 -18.29 0.86
N SER A 163 5.56 -18.88 0.07
CA SER A 163 6.51 -19.84 0.62
C SER A 163 7.61 -19.18 1.43
N VAL A 164 8.01 -17.97 1.05
CA VAL A 164 9.07 -17.26 1.75
C VAL A 164 8.64 -16.78 3.14
N ASP A 165 7.48 -16.15 3.21
CA ASP A 165 6.99 -15.68 4.50
C ASP A 165 5.49 -15.95 4.59
N PRO A 166 5.10 -17.15 5.02
CA PRO A 166 3.69 -17.51 5.14
C PRO A 166 2.91 -16.71 6.18
N ASN A 167 3.61 -15.88 6.96
CA ASN A 167 2.98 -15.07 7.99
C ASN A 167 2.44 -13.75 7.46
N ALA A 168 2.94 -13.31 6.31
CA ALA A 168 2.51 -12.04 5.72
C ALA A 168 1.27 -12.17 4.85
N LYS A 169 0.46 -11.11 4.84
CA LYS A 169 -0.75 -11.04 4.02
C LYS A 169 -0.25 -10.58 2.66
N LEU A 170 -0.49 -11.39 1.63
CA LEU A 170 -0.04 -11.08 0.27
C LEU A 170 -1.08 -10.26 -0.47
N TYR A 171 -0.69 -9.05 -0.87
CA TYR A 171 -1.60 -8.12 -1.55
C TYR A 171 -1.25 -7.76 -2.99
N ILE A 172 -2.29 -7.37 -3.73
CA ILE A 172 -2.15 -6.85 -5.08
C ILE A 172 -2.72 -5.43 -4.87
N ASN A 173 -1.91 -4.43 -5.19
CA ASN A 173 -2.27 -3.03 -4.97
C ASN A 173 -2.44 -2.26 -6.28
N ASP A 174 -3.34 -1.27 -6.29
CA ASP A 174 -3.55 -0.49 -7.50
C ASP A 174 -4.32 0.78 -7.21
N TYR A 175 -4.24 1.75 -8.12
CA TYR A 175 -4.94 3.02 -7.96
C TYR A 175 -6.12 3.09 -8.91
N ASN A 176 -6.99 4.08 -8.70
CA ASN A 176 -8.20 4.27 -9.49
C ASN A 176 -9.24 3.15 -9.33
N LEU A 177 -9.27 2.52 -8.15
CA LEU A 177 -10.26 1.48 -7.84
C LEU A 177 -11.17 2.24 -6.88
N ASP A 178 -11.56 3.45 -7.30
CA ASP A 178 -12.32 4.37 -6.48
C ASP A 178 -13.83 4.56 -6.62
N SER A 179 -14.46 3.83 -7.54
CA SER A 179 -15.91 3.91 -7.69
C SER A 179 -16.38 2.60 -8.31
N ALA A 180 -17.48 2.06 -7.78
CA ALA A 180 -18.01 0.81 -8.29
C ALA A 180 -18.41 1.03 -9.74
N GLY A 181 -18.19 0.02 -10.57
CA GLY A 181 -18.54 0.14 -11.97
C GLY A 181 -17.39 0.59 -12.85
N TYR A 182 -16.35 1.17 -12.26
CA TYR A 182 -15.21 1.63 -13.04
C TYR A 182 -14.49 0.43 -13.69
N SER A 183 -14.09 0.59 -14.94
CA SER A 183 -13.43 -0.47 -15.70
C SER A 183 -12.26 -1.16 -15.00
N LYS A 184 -11.42 -0.38 -14.30
CA LYS A 184 -10.27 -0.95 -13.59
C LYS A 184 -10.74 -1.80 -12.42
N VAL A 185 -11.81 -1.35 -11.75
CA VAL A 185 -12.39 -2.08 -10.62
C VAL A 185 -12.91 -3.42 -11.15
N ASN A 186 -13.67 -3.37 -12.25
CA ASN A 186 -14.21 -4.59 -12.86
C ASN A 186 -13.08 -5.53 -13.26
N GLY A 187 -11.99 -4.97 -13.80
CA GLY A 187 -10.84 -5.77 -14.20
C GLY A 187 -10.12 -6.38 -13.02
N MET A 188 -10.01 -5.63 -11.92
CA MET A 188 -9.36 -6.12 -10.71
C MET A 188 -10.17 -7.27 -10.12
N VAL A 189 -11.48 -7.10 -10.05
CA VAL A 189 -12.37 -8.11 -9.51
C VAL A 189 -12.40 -9.42 -10.32
N SER A 190 -12.59 -9.32 -11.63
CA SER A 190 -12.65 -10.52 -12.46
C SER A 190 -11.35 -11.29 -12.49
N HIS A 191 -10.23 -10.56 -12.53
CA HIS A 191 -8.92 -11.21 -12.56
C HIS A 191 -8.63 -11.92 -11.25
N VAL A 192 -8.87 -11.25 -10.12
CA VAL A 192 -8.64 -11.85 -8.82
C VAL A 192 -9.51 -13.08 -8.59
N LYS A 193 -10.76 -13.05 -9.05
CA LYS A 193 -11.67 -14.21 -8.90
C LYS A 193 -11.04 -15.40 -9.61
N LYS A 194 -10.55 -15.15 -10.82
CA LYS A 194 -9.91 -16.18 -11.64
C LYS A 194 -8.66 -16.74 -10.97
N TRP A 195 -7.79 -15.84 -10.51
CA TRP A 195 -6.55 -16.23 -9.84
C TRP A 195 -6.80 -17.00 -8.57
N LEU A 196 -7.77 -16.55 -7.78
CA LEU A 196 -8.11 -17.24 -6.54
C LEU A 196 -8.67 -18.62 -6.86
N ALA A 197 -9.45 -18.71 -7.94
CA ALA A 197 -10.03 -20.00 -8.34
C ALA A 197 -8.92 -20.97 -8.79
N ALA A 198 -7.82 -20.42 -9.30
CA ALA A 198 -6.69 -21.23 -9.75
C ALA A 198 -5.74 -21.60 -8.60
N GLY A 199 -5.98 -21.07 -7.41
CA GLY A 199 -5.13 -21.40 -6.28
C GLY A 199 -4.02 -20.40 -5.96
N ILE A 200 -4.02 -19.28 -6.66
CA ILE A 200 -3.00 -18.25 -6.42
C ILE A 200 -3.28 -17.61 -5.06
N PRO A 201 -2.31 -17.67 -4.14
CA PRO A 201 -2.44 -17.11 -2.80
C PRO A 201 -2.49 -15.59 -2.66
N ILE A 202 -3.62 -14.99 -3.03
CA ILE A 202 -3.80 -13.55 -2.92
C ILE A 202 -4.69 -13.29 -1.69
N ASP A 203 -4.10 -12.72 -0.65
CA ASP A 203 -4.84 -12.47 0.59
C ASP A 203 -5.68 -11.20 0.60
N GLY A 204 -5.21 -10.17 -0.08
CA GLY A 204 -5.96 -8.93 -0.09
C GLY A 204 -5.79 -8.06 -1.31
N ILE A 205 -6.69 -7.11 -1.46
CA ILE A 205 -6.63 -6.16 -2.56
C ILE A 205 -6.41 -4.83 -1.89
N GLY A 206 -5.37 -4.12 -2.34
CA GLY A 206 -5.06 -2.82 -1.79
C GLY A 206 -5.52 -1.76 -2.76
N SER A 207 -6.29 -0.80 -2.27
CA SER A 207 -6.77 0.28 -3.11
C SER A 207 -6.06 1.54 -2.66
N GLN A 208 -5.19 2.07 -3.51
CA GLN A 208 -4.43 3.26 -3.14
C GLN A 208 -5.29 4.42 -2.65
N THR A 209 -6.29 4.79 -3.44
CA THR A 209 -7.21 5.87 -3.07
C THR A 209 -6.58 7.27 -3.08
N HIS A 210 -5.94 7.62 -4.19
CA HIS A 210 -5.34 8.94 -4.37
C HIS A 210 -6.46 9.75 -5.01
N LEU A 211 -7.18 10.50 -4.19
CA LEU A 211 -8.35 11.23 -4.64
C LEU A 211 -8.25 12.73 -4.86
N GLY A 212 -9.25 13.21 -5.59
CA GLY A 212 -9.41 14.63 -5.86
C GLY A 212 -10.53 15.06 -4.92
N ALA A 213 -10.78 16.36 -4.82
CA ALA A 213 -11.81 16.86 -3.95
C ALA A 213 -13.18 16.37 -4.39
N GLY A 214 -14.00 15.95 -3.42
CA GLY A 214 -15.34 15.45 -3.71
C GLY A 214 -15.49 14.00 -4.10
N ALA A 215 -14.38 13.28 -4.26
CA ALA A 215 -14.46 11.88 -4.67
C ALA A 215 -14.58 10.89 -3.51
N GLY A 216 -14.59 11.39 -2.28
CA GLY A 216 -14.68 10.51 -1.13
C GLY A 216 -15.95 9.68 -1.05
N SER A 217 -17.08 10.25 -1.42
CA SER A 217 -18.36 9.56 -1.35
C SER A 217 -18.53 8.31 -2.22
N ALA A 218 -17.71 8.16 -3.26
CA ALA A 218 -17.84 7.00 -4.12
C ALA A 218 -16.99 5.83 -3.66
N VAL A 219 -16.08 6.07 -2.71
CA VAL A 219 -15.19 5.04 -2.19
C VAL A 219 -15.90 3.83 -1.53
N ALA A 220 -17.01 4.08 -0.83
CA ALA A 220 -17.75 3.00 -0.19
C ALA A 220 -18.20 1.93 -1.18
N GLY A 221 -18.73 2.36 -2.32
CA GLY A 221 -19.19 1.44 -3.33
C GLY A 221 -18.03 0.69 -3.97
N ALA A 222 -16.91 1.37 -4.11
CA ALA A 222 -15.70 0.78 -4.70
C ALA A 222 -15.24 -0.37 -3.82
N LEU A 223 -15.18 -0.13 -2.51
CA LEU A 223 -14.77 -1.17 -1.58
C LEU A 223 -15.75 -2.33 -1.61
N ASN A 224 -17.04 -2.03 -1.73
CA ASN A 224 -18.07 -3.08 -1.81
C ASN A 224 -17.86 -3.94 -3.05
N ALA A 225 -17.52 -3.30 -4.17
CA ALA A 225 -17.29 -4.02 -5.41
C ALA A 225 -16.02 -4.88 -5.29
N LEU A 226 -14.96 -4.31 -4.72
CA LEU A 226 -13.70 -5.03 -4.54
C LEU A 226 -13.87 -6.26 -3.64
N ALA A 227 -14.81 -6.17 -2.70
CA ALA A 227 -15.08 -7.26 -1.78
C ALA A 227 -15.64 -8.50 -2.49
N SER A 228 -16.17 -8.31 -3.69
CA SER A 228 -16.71 -9.41 -4.48
C SER A 228 -15.64 -10.26 -5.15
N ALA A 229 -14.39 -9.78 -5.18
CA ALA A 229 -13.30 -10.54 -5.79
C ALA A 229 -13.08 -11.82 -5.01
N GLY A 230 -13.45 -11.80 -3.73
CA GLY A 230 -13.32 -12.99 -2.92
C GLY A 230 -12.07 -13.12 -2.07
N THR A 231 -11.30 -12.05 -1.91
CA THR A 231 -10.11 -12.14 -1.08
C THR A 231 -10.52 -12.05 0.38
N LYS A 232 -9.67 -12.53 1.28
CA LYS A 232 -10.00 -12.48 2.70
C LYS A 232 -10.17 -11.05 3.20
N GLU A 233 -9.34 -10.15 2.70
CA GLU A 233 -9.40 -8.76 3.14
C GLU A 233 -9.04 -7.78 2.02
N ILE A 234 -9.28 -6.50 2.29
CA ILE A 234 -8.94 -5.42 1.37
C ILE A 234 -8.46 -4.28 2.29
N ALA A 235 -7.81 -3.27 1.72
CA ALA A 235 -7.34 -2.14 2.52
C ALA A 235 -7.11 -0.91 1.67
N ILE A 236 -7.26 0.26 2.28
CA ILE A 236 -7.00 1.54 1.61
C ILE A 236 -5.52 1.71 1.96
N THR A 237 -4.69 1.70 0.94
CA THR A 237 -3.25 1.73 1.11
C THR A 237 -2.46 3.02 0.98
N GLU A 238 -2.93 3.97 0.18
CA GLU A 238 -2.18 5.21 -0.03
C GLU A 238 -3.08 6.43 -0.11
N LEU A 239 -3.93 6.60 0.89
CA LEU A 239 -4.89 7.68 0.95
C LEU A 239 -4.38 9.10 1.11
N ASP A 240 -4.90 9.97 0.25
CA ASP A 240 -4.64 11.40 0.27
C ASP A 240 -5.75 11.99 -0.59
N ILE A 241 -6.25 13.16 -0.22
CA ILE A 241 -7.34 13.78 -0.94
C ILE A 241 -7.04 15.26 -1.13
N ALA A 242 -7.01 15.70 -2.37
CA ALA A 242 -6.75 17.11 -2.68
C ALA A 242 -7.75 17.97 -1.91
N GLY A 243 -7.24 18.93 -1.14
CA GLY A 243 -8.10 19.81 -0.37
C GLY A 243 -8.33 19.32 1.05
N ALA A 244 -8.07 18.03 1.29
CA ALA A 244 -8.22 17.40 2.60
C ALA A 244 -9.47 17.82 3.39
N SER A 245 -10.60 17.91 2.70
CA SER A 245 -11.83 18.31 3.36
C SER A 245 -12.32 17.21 4.29
N SER A 246 -12.99 17.62 5.36
CA SER A 246 -13.55 16.70 6.33
C SER A 246 -14.57 15.78 5.66
N THR A 247 -15.46 16.33 4.84
CA THR A 247 -16.46 15.51 4.17
C THR A 247 -15.84 14.35 3.39
N ASP A 248 -14.78 14.64 2.62
CA ASP A 248 -14.08 13.61 1.85
C ASP A 248 -13.42 12.59 2.77
N TYR A 249 -12.62 13.08 3.71
CA TYR A 249 -11.91 12.21 4.63
C TYR A 249 -12.82 11.33 5.47
N VAL A 250 -13.86 11.91 6.06
CA VAL A 250 -14.79 11.13 6.88
C VAL A 250 -15.54 10.13 5.99
N ASN A 251 -15.85 10.52 4.75
CA ASN A 251 -16.51 9.63 3.82
C ASN A 251 -15.63 8.40 3.56
N VAL A 252 -14.33 8.63 3.34
CA VAL A 252 -13.39 7.54 3.09
C VAL A 252 -13.21 6.64 4.32
N VAL A 253 -13.12 7.25 5.50
CA VAL A 253 -12.97 6.48 6.75
C VAL A 253 -14.21 5.61 6.97
N ASN A 254 -15.38 6.18 6.74
CA ASN A 254 -16.64 5.46 6.89
C ASN A 254 -16.74 4.34 5.86
N ALA A 255 -16.21 4.57 4.67
CA ALA A 255 -16.22 3.58 3.59
C ALA A 255 -15.56 2.30 4.09
N CYS A 256 -14.42 2.45 4.77
CA CYS A 256 -13.69 1.30 5.31
C CYS A 256 -14.39 0.76 6.55
N LEU A 257 -14.77 1.66 7.45
CA LEU A 257 -15.45 1.28 8.68
C LEU A 257 -16.68 0.39 8.46
N ASN A 258 -17.44 0.69 7.42
CA ASN A 258 -18.67 -0.06 7.13
C ASN A 258 -18.56 -1.23 6.18
N GLN A 259 -17.33 -1.60 5.84
CA GLN A 259 -17.11 -2.75 4.97
C GLN A 259 -16.31 -3.73 5.80
N ALA A 260 -16.91 -4.89 6.08
CA ALA A 260 -16.26 -5.92 6.88
C ALA A 260 -14.84 -6.25 6.46
N LYS A 261 -14.61 -6.43 5.16
CA LYS A 261 -13.28 -6.79 4.67
C LYS A 261 -12.16 -5.76 4.78
N CYS A 262 -12.52 -4.49 4.97
CA CYS A 262 -11.50 -3.46 5.06
C CYS A 262 -10.82 -3.49 6.44
N VAL A 263 -9.59 -3.99 6.47
CA VAL A 263 -8.85 -4.10 7.73
C VAL A 263 -8.18 -2.83 8.19
N GLY A 264 -7.89 -1.92 7.27
CA GLY A 264 -7.24 -0.70 7.68
C GLY A 264 -7.09 0.34 6.60
N ILE A 265 -6.56 1.48 7.01
CA ILE A 265 -6.33 2.62 6.13
C ILE A 265 -4.93 3.17 6.38
N THR A 266 -4.19 3.43 5.30
CA THR A 266 -2.85 4.00 5.40
C THR A 266 -2.94 5.33 4.64
N VAL A 267 -2.63 6.44 5.32
CA VAL A 267 -2.64 7.76 4.68
C VAL A 267 -1.23 7.94 4.12
N TRP A 268 -1.12 8.30 2.85
CA TRP A 268 0.17 8.47 2.19
C TRP A 268 0.93 9.73 2.61
N GLY A 269 1.36 9.77 3.87
CA GLY A 269 2.09 10.90 4.39
C GLY A 269 1.47 11.42 5.67
N VAL A 270 2.23 12.20 6.43
CA VAL A 270 1.73 12.76 7.68
C VAL A 270 1.32 14.21 7.49
N ALA A 271 2.29 15.05 7.15
CA ALA A 271 2.05 16.48 6.94
C ALA A 271 2.22 16.88 5.49
N ASP A 272 1.42 17.87 5.07
CA ASP A 272 1.43 18.36 3.70
C ASP A 272 2.77 18.65 3.01
N PRO A 273 3.71 19.30 3.71
CA PRO A 273 5.01 19.58 3.06
C PRO A 273 5.76 18.35 2.57
N ASP A 274 5.51 17.21 3.19
CA ASP A 274 6.19 15.97 2.83
C ASP A 274 5.37 15.10 1.88
N SER A 275 4.28 15.65 1.38
CA SER A 275 3.42 14.92 0.47
C SER A 275 3.99 14.88 -0.95
N TRP A 276 3.75 13.78 -1.66
CA TRP A 276 4.20 13.67 -3.03
C TRP A 276 3.27 14.51 -3.94
N ARG A 277 2.22 15.05 -3.33
CA ARG A 277 1.21 15.89 -3.99
C ARG A 277 1.04 17.11 -3.07
N SER A 278 2.15 17.66 -2.61
CA SER A 278 2.15 18.79 -1.68
C SER A 278 1.35 20.02 -2.06
N SER A 279 1.31 20.38 -3.34
CA SER A 279 0.57 21.57 -3.77
C SER A 279 -0.94 21.47 -3.58
N SER A 280 -1.44 20.25 -3.37
CA SER A 280 -2.86 20.08 -3.17
C SER A 280 -3.24 19.92 -1.69
N SER A 281 -2.25 20.04 -0.81
CA SER A 281 -2.46 19.93 0.65
C SER A 281 -3.46 18.80 0.92
N PRO A 282 -3.12 17.56 0.51
CA PRO A 282 -3.97 16.38 0.67
C PRO A 282 -3.90 15.54 1.94
N LEU A 283 -3.08 15.94 2.90
CA LEU A 283 -2.89 15.18 4.14
C LEU A 283 -3.63 15.70 5.38
N LEU A 284 -3.49 14.98 6.48
CA LEU A 284 -4.16 15.30 7.74
C LEU A 284 -3.48 16.34 8.65
N PHE A 285 -2.20 16.58 8.42
CA PHE A 285 -1.46 17.58 9.20
C PHE A 285 -0.96 18.61 8.23
N ASP A 286 -0.85 19.85 8.70
CA ASP A 286 -0.42 20.94 7.84
C ASP A 286 1.08 21.26 7.82
N GLY A 287 1.41 22.39 7.20
CA GLY A 287 2.79 22.83 7.11
C GLY A 287 3.49 23.03 8.44
N ASN A 288 2.71 23.10 9.52
CA ASN A 288 3.27 23.26 10.86
C ASN A 288 3.18 21.97 11.65
N TYR A 289 2.89 20.87 10.94
CA TYR A 289 2.77 19.55 11.55
C TYR A 289 1.70 19.54 12.63
N ASN A 290 0.65 20.31 12.41
CA ASN A 290 -0.49 20.42 13.31
C ASN A 290 -1.71 19.79 12.66
N PRO A 291 -2.57 19.17 13.46
CA PRO A 291 -3.79 18.52 12.97
C PRO A 291 -4.68 19.50 12.22
N LYS A 292 -5.13 19.10 11.04
CA LYS A 292 -6.02 19.92 10.25
C LYS A 292 -7.46 19.55 10.69
N ALA A 293 -8.46 20.24 10.17
CA ALA A 293 -9.86 19.97 10.54
C ALA A 293 -10.31 18.53 10.26
N ALA A 294 -9.89 17.96 9.11
CA ALA A 294 -10.25 16.60 8.72
C ALA A 294 -9.76 15.57 9.74
N TYR A 295 -8.61 15.83 10.35
CA TYR A 295 -8.09 14.90 11.34
C TYR A 295 -9.07 14.82 12.51
N ASN A 296 -9.51 15.99 12.97
CA ASN A 296 -10.46 16.06 14.08
C ASN A 296 -11.83 15.49 13.66
N ALA A 297 -12.22 15.76 12.42
CA ALA A 297 -13.48 15.27 11.92
C ALA A 297 -13.48 13.74 11.96
N ILE A 298 -12.36 13.16 11.52
CA ILE A 298 -12.21 11.70 11.52
C ILE A 298 -12.32 11.18 12.95
N ALA A 299 -11.64 11.84 13.88
CA ALA A 299 -11.67 11.44 15.28
C ALA A 299 -13.09 11.47 15.86
N ASN A 300 -13.83 12.53 15.54
CA ASN A 300 -15.19 12.66 16.04
C ASN A 300 -16.19 11.75 15.33
N ALA A 301 -15.76 11.14 14.23
CA ALA A 301 -16.62 10.23 13.47
C ALA A 301 -16.46 8.81 14.00
N LEU A 302 -15.42 8.60 14.79
CA LEU A 302 -15.13 7.28 15.34
C LEU A 302 -15.49 7.23 16.83
#